data_8V0D
#
_entry.id   8V0D
#
_cell.length_a   28.985
_cell.length_b   65.119
_cell.length_c   135.931
_cell.angle_alpha   90.000
_cell.angle_beta   93.030
_cell.angle_gamma   90.000
#
_symmetry.space_group_name_H-M   'P 1 21 1'
#
loop_
_entity.id
_entity.type
_entity.pdbx_description
1 polymer 'Ubch5B-RING3 of MIB1 fusion protein'
2 non-polymer 'ZINC ION'
3 water water
#
_entity_poly.entity_id   1
_entity_poly.type   'polypeptide(L)'
_entity_poly.pdbx_seq_one_letter_code
;SMALKRIHKELNDLARDPPAQCSAGPVGDDMFHWQATIMGPNDSPYQGGVFFLTIHFPTDYPFKPPKVAFTTRIYHPNIN
SNGSICLDILRSQWSPALTISKVLLSICSLLCDPNPDDPLVPEIARIYKTDREKYNRIAREWTQKYAMGGGSGGGSGGGS
GGGSGGKDKDNTNVNADVQKLQQQLQDIKEQTMCPVCLDRLKNMIFLCGHGTCQLCGDRMSECPICRKAIERRILLY
;
_entity_poly.pdbx_strand_id   B,A
#
loop_
_chem_comp.id
_chem_comp.type
_chem_comp.name
_chem_comp.formula
ZN non-polymer 'ZINC ION' 'Zn 2'
#
# COMPACT_ATOMS: atom_id res chain seq x y z
N SER A 1 10.99 -21.28 6.13
CA SER A 1 9.60 -21.36 6.59
C SER A 1 9.16 -19.98 7.01
N MET A 2 7.84 -19.80 7.13
CA MET A 2 7.30 -18.51 7.53
C MET A 2 7.87 -18.07 8.87
N ALA A 3 8.00 -19.01 9.81
CA ALA A 3 8.55 -18.73 11.12
C ALA A 3 10.00 -18.26 11.05
N LEU A 4 10.82 -18.95 10.26
CA LEU A 4 12.23 -18.59 10.14
C LEU A 4 12.41 -17.27 9.40
N LYS A 5 11.61 -17.02 8.36
CA LYS A 5 11.67 -15.72 7.70
C LYS A 5 11.29 -14.61 8.66
N ARG A 6 10.22 -14.81 9.42
CA ARG A 6 9.80 -13.78 10.36
C ARG A 6 10.85 -13.54 11.46
N ILE A 7 11.53 -14.60 11.92
CA ILE A 7 12.60 -14.45 12.91
C ILE A 7 13.78 -13.64 12.34
N HIS A 8 14.16 -13.93 11.09
CA HIS A 8 15.21 -13.11 10.49
C HIS A 8 14.79 -11.66 10.38
N LYS A 9 13.51 -11.43 10.03
CA LYS A 9 13.00 -10.07 9.89
C LYS A 9 13.08 -9.30 11.20
N GLU A 10 12.66 -9.95 12.29
CA GLU A 10 12.70 -9.28 13.59
C GLU A 10 14.13 -9.00 14.01
N LEU A 11 15.05 -9.90 13.65
CA LEU A 11 16.46 -9.69 13.98
C LEU A 11 17.03 -8.49 13.23
N ASN A 12 16.71 -8.36 11.95
CA ASN A 12 17.20 -7.21 11.19
C ASN A 12 16.60 -5.91 11.71
N ASP A 13 15.31 -5.92 12.05
CA ASP A 13 14.70 -4.69 12.55
C ASP A 13 15.26 -4.32 13.93
N LEU A 14 15.59 -5.32 14.75
CA LEU A 14 16.22 -5.03 16.02
C LEU A 14 17.63 -4.51 15.86
N ALA A 15 18.31 -4.92 14.79
CA ALA A 15 19.67 -4.48 14.60
C ALA A 15 19.72 -3.08 13.98
N ARG A 16 18.86 -2.79 13.00
CA ARG A 16 18.84 -1.46 12.39
C ARG A 16 18.11 -0.44 13.25
N ASP A 17 17.30 -0.87 14.20
CA ASP A 17 16.55 0.03 15.09
C ASP A 17 16.69 -0.51 16.49
N PRO A 18 17.89 -0.38 17.07
CA PRO A 18 18.13 -1.01 18.36
C PRO A 18 17.30 -0.36 19.46
N PRO A 19 16.85 -1.14 20.42
CA PRO A 19 16.30 -0.55 21.63
C PRO A 19 17.43 0.08 22.40
N ALA A 20 17.10 1.09 23.21
CA ALA A 20 18.17 1.73 23.98
C ALA A 20 18.73 0.77 25.04
N GLN A 21 17.87 0.02 25.71
CA GLN A 21 18.36 -0.81 26.80
C GLN A 21 18.26 -2.32 26.58
N CYS A 22 17.24 -2.83 25.89
CA CYS A 22 17.07 -4.28 25.82
C CYS A 22 17.93 -4.85 24.72
N SER A 23 18.01 -6.17 24.67
CA SER A 23 18.83 -6.80 23.64
C SER A 23 18.39 -8.24 23.45
N ALA A 24 18.38 -8.72 22.21
CA ALA A 24 17.94 -10.09 21.98
C ALA A 24 18.50 -10.63 20.66
N GLY A 25 18.91 -11.90 20.67
CA GLY A 25 19.41 -12.53 19.47
C GLY A 25 19.69 -14.02 19.59
N PRO A 26 19.94 -14.67 18.45
CA PRO A 26 20.21 -16.11 18.45
C PRO A 26 21.44 -16.44 19.29
N VAL A 27 21.39 -17.57 20.00
CA VAL A 27 22.55 -17.95 20.79
C VAL A 27 23.67 -18.49 19.90
N GLY A 28 23.35 -19.40 18.97
CA GLY A 28 24.37 -19.80 18.00
C GLY A 28 23.86 -19.86 16.57
N ASP A 29 23.77 -21.07 16.02
CA ASP A 29 23.20 -21.28 14.68
C ASP A 29 21.73 -21.62 14.73
N ASP A 30 21.15 -21.74 15.91
CA ASP A 30 19.73 -22.07 16.08
C ASP A 30 18.96 -20.75 16.14
N MET A 31 18.29 -20.41 15.04
CA MET A 31 17.49 -19.20 15.02
C MET A 31 16.23 -19.31 15.87
N PHE A 32 15.84 -20.53 16.24
CA PHE A 32 14.63 -20.72 17.02
C PHE A 32 14.89 -20.69 18.52
N HIS A 33 16.14 -20.42 18.93
CA HIS A 33 16.48 -20.23 20.34
C HIS A 33 17.31 -18.96 20.49
N TRP A 34 16.77 -17.99 21.21
CA TRP A 34 17.42 -16.70 21.45
C TRP A 34 17.76 -16.52 22.92
N GLN A 35 18.69 -15.61 23.16
CA GLN A 35 18.93 -15.04 24.46
C GLN A 35 18.51 -13.57 24.42
N ALA A 36 17.94 -13.09 25.52
CA ALA A 36 17.56 -11.70 25.65
C ALA A 36 18.11 -11.17 26.95
N THR A 37 18.22 -9.85 27.01
CA THR A 37 18.75 -9.09 28.12
C THR A 37 17.85 -7.90 28.35
N ILE A 38 17.50 -7.65 29.61
CA ILE A 38 16.69 -6.52 30.00
C ILE A 38 17.41 -5.78 31.13
N MET A 39 17.50 -4.46 31.01
CA MET A 39 18.04 -3.62 32.09
C MET A 39 16.89 -3.20 32.98
N GLY A 40 17.15 -3.21 34.28
CA GLY A 40 16.15 -2.81 35.25
C GLY A 40 15.58 -1.45 34.93
N PRO A 41 14.27 -1.37 34.77
CA PRO A 41 13.63 -0.10 34.41
C PRO A 41 14.01 1.00 35.41
N ASN A 42 14.28 2.20 34.88
CA ASN A 42 14.90 3.24 35.68
C ASN A 42 14.07 3.66 36.89
N ASP A 43 12.74 3.68 36.76
CA ASP A 43 11.88 4.09 37.88
C ASP A 43 11.39 2.90 38.71
N SER A 44 12.00 1.74 38.56
CA SER A 44 11.54 0.56 39.26
C SER A 44 12.56 0.21 40.32
N PRO A 45 12.22 -0.70 41.23
CA PRO A 45 13.23 -1.17 42.19
C PRO A 45 14.25 -2.11 41.58
N TYR A 46 14.10 -2.47 40.31
CA TYR A 46 15.08 -3.28 39.63
C TYR A 46 16.17 -2.46 38.95
N GLN A 47 16.12 -1.13 39.06
CA GLN A 47 17.09 -0.26 38.39
C GLN A 47 18.51 -0.60 38.79
N GLY A 48 19.36 -0.76 37.80
CA GLY A 48 20.73 -1.15 38.03
C GLY A 48 21.00 -2.61 37.73
N GLY A 49 19.96 -3.42 37.63
CA GLY A 49 20.15 -4.83 37.40
C GLY A 49 20.09 -5.19 35.92
N VAL A 50 20.75 -6.29 35.59
CA VAL A 50 20.69 -6.87 34.25
C VAL A 50 20.10 -8.27 34.40
N PHE A 51 19.02 -8.53 33.67
CA PHE A 51 18.28 -9.79 33.73
C PHE A 51 18.36 -10.46 32.36
N PHE A 52 18.76 -11.73 32.36
CA PHE A 52 18.83 -12.53 31.14
C PHE A 52 17.56 -13.37 31.02
N LEU A 53 17.17 -13.65 29.78
CA LEU A 53 16.00 -14.44 29.50
C LEU A 53 16.35 -15.41 28.39
N THR A 54 15.67 -16.54 28.35
CA THR A 54 15.75 -17.41 27.20
C THR A 54 14.44 -17.33 26.44
N ILE A 55 14.55 -17.34 25.11
CA ILE A 55 13.42 -17.31 24.20
C ILE A 55 13.49 -18.56 23.35
N HIS A 56 12.34 -19.21 23.15
CA HIS A 56 12.25 -20.38 22.28
C HIS A 56 11.08 -20.17 21.32
N PHE A 57 11.38 -20.12 20.00
CA PHE A 57 10.34 -19.87 18.99
C PHE A 57 9.75 -21.20 18.52
N PRO A 58 8.42 -21.36 18.59
CA PRO A 58 7.78 -22.56 18.03
C PRO A 58 7.90 -22.62 16.53
N THR A 59 7.74 -23.83 16.00
CA THR A 59 7.94 -24.03 14.57
C THR A 59 6.94 -23.26 13.74
N ASP A 60 5.76 -22.95 14.30
CA ASP A 60 4.75 -22.18 13.58
C ASP A 60 4.54 -20.80 14.20
N TYR A 61 5.61 -20.21 14.69
CA TYR A 61 5.64 -18.80 15.04
C TYR A 61 5.38 -18.02 13.76
N PRO A 62 4.69 -16.86 13.83
CA PRO A 62 4.16 -16.14 14.99
C PRO A 62 2.70 -16.42 15.27
N PHE A 63 2.17 -17.45 14.63
CA PHE A 63 0.80 -17.82 14.93
C PHE A 63 0.72 -18.42 16.32
N LYS A 64 1.83 -18.90 16.86
CA LYS A 64 1.87 -19.31 18.24
C LYS A 64 2.90 -18.51 19.03
N PRO A 65 2.63 -18.17 20.28
CA PRO A 65 3.58 -17.26 21.03
C PRO A 65 4.90 -17.94 21.35
N PRO A 66 5.96 -17.16 21.54
CA PRO A 66 7.24 -17.72 21.96
C PRO A 66 7.26 -18.06 23.44
N LYS A 67 8.14 -18.98 23.80
CA LYS A 67 8.31 -19.37 25.19
C LYS A 67 9.40 -18.47 25.76
N VAL A 68 9.05 -17.63 26.73
CA VAL A 68 9.97 -16.68 27.32
C VAL A 68 10.10 -16.98 28.82
N ALA A 69 11.34 -17.04 29.32
CA ALA A 69 11.54 -17.28 30.74
C ALA A 69 12.76 -16.50 31.21
N PHE A 70 12.74 -16.08 32.48
CA PHE A 70 13.92 -15.50 33.10
C PHE A 70 14.93 -16.59 33.45
N THR A 71 16.21 -16.27 33.32
CA THR A 71 17.25 -17.10 33.91
C THR A 71 17.97 -16.41 35.05
N THR A 72 17.73 -15.12 35.23
CA THR A 72 18.24 -14.35 36.36
C THR A 72 17.15 -14.27 37.40
N ARG A 73 17.48 -14.63 38.65
CA ARG A 73 16.52 -14.57 39.75
C ARG A 73 16.04 -13.13 39.91
N ILE A 74 14.75 -12.97 40.19
CA ILE A 74 14.11 -11.67 40.31
C ILE A 74 12.95 -11.77 41.29
N TYR A 75 12.76 -10.72 42.10
CA TYR A 75 11.72 -10.69 43.12
C TYR A 75 10.47 -10.04 42.57
N HIS A 76 9.49 -10.85 42.17
CA HIS A 76 8.34 -10.33 41.47
C HIS A 76 7.10 -11.20 41.64
N PRO A 77 5.91 -10.60 41.76
CA PRO A 77 4.68 -11.39 41.93
C PRO A 77 4.34 -12.31 40.77
N ASN A 78 4.79 -12.03 39.56
CA ASN A 78 4.39 -12.81 38.39
C ASN A 78 5.53 -13.63 37.78
N ILE A 79 6.63 -13.81 38.50
CA ILE A 79 7.78 -14.60 38.04
C ILE A 79 8.19 -15.52 39.17
N ASN A 80 8.20 -16.83 38.92
CA ASN A 80 8.50 -17.79 39.98
C ASN A 80 10.01 -18.08 40.05
N SER A 81 10.36 -19.03 40.91
CA SER A 81 11.78 -19.30 41.13
C SER A 81 12.42 -20.01 39.94
N ASN A 82 11.64 -20.62 39.06
CA ASN A 82 12.14 -21.17 37.80
C ASN A 82 12.14 -20.13 36.68
N GLY A 83 11.81 -18.88 36.99
CA GLY A 83 11.82 -17.86 35.98
C GLY A 83 10.62 -17.80 35.08
N SER A 84 9.59 -18.62 35.32
CA SER A 84 8.40 -18.53 34.47
C SER A 84 7.74 -17.18 34.66
N ILE A 85 7.11 -16.69 33.60
CA ILE A 85 6.50 -15.36 33.56
C ILE A 85 5.01 -15.51 33.30
N CYS A 86 4.21 -14.89 34.16
CA CYS A 86 2.76 -14.82 33.99
C CYS A 86 2.43 -13.51 33.29
N LEU A 87 2.22 -13.58 31.98
CA LEU A 87 2.01 -12.39 31.17
C LEU A 87 1.02 -12.75 30.07
N ASP A 88 -0.09 -12.03 30.01
CA ASP A 88 -1.17 -12.39 29.11
C ASP A 88 -0.70 -12.46 27.66
N ILE A 89 0.23 -11.59 27.28
CA ILE A 89 0.73 -11.55 25.92
C ILE A 89 1.32 -12.88 25.52
N LEU A 90 1.79 -13.66 26.50
CA LEU A 90 2.48 -14.91 26.27
C LEU A 90 1.53 -16.09 26.20
N ARG A 91 0.24 -15.90 26.46
CA ARG A 91 -0.69 -17.02 26.36
C ARG A 91 -1.99 -16.62 25.66
N SER A 92 -2.94 -16.08 26.42
CA SER A 92 -4.26 -15.81 25.84
C SER A 92 -4.21 -14.61 24.90
N GLN A 93 -3.53 -13.55 25.30
CA GLN A 93 -3.52 -12.31 24.54
C GLN A 93 -2.42 -12.27 23.49
N TRP A 94 -1.89 -13.42 23.09
CA TRP A 94 -0.93 -13.42 22.01
C TRP A 94 -1.62 -13.08 20.69
N SER A 95 -0.97 -12.22 19.91
CA SER A 95 -1.37 -11.86 18.57
C SER A 95 -0.21 -12.13 17.62
N PRO A 96 -0.49 -12.61 16.40
CA PRO A 96 0.60 -12.81 15.43
C PRO A 96 1.26 -11.50 14.96
N ALA A 97 0.71 -10.34 15.31
CA ALA A 97 1.33 -9.06 14.99
C ALA A 97 2.34 -8.58 16.03
N LEU A 98 2.49 -9.29 17.13
CA LEU A 98 3.44 -8.83 18.12
C LEU A 98 4.83 -9.39 17.83
N THR A 99 5.84 -8.67 18.27
CA THR A 99 7.23 -9.01 18.05
C THR A 99 7.93 -9.20 19.39
N ILE A 100 9.11 -9.80 19.32
CA ILE A 100 9.93 -9.98 20.52
C ILE A 100 10.21 -8.63 21.18
N SER A 101 10.44 -7.61 20.35
CA SER A 101 10.66 -6.25 20.86
CA SER A 101 10.67 -6.25 20.86
C SER A 101 9.52 -5.80 21.74
N LYS A 102 8.29 -5.92 21.24
CA LYS A 102 7.12 -5.56 22.03
C LYS A 102 7.03 -6.42 23.28
N VAL A 103 7.37 -7.70 23.18
CA VAL A 103 7.28 -8.59 24.33
C VAL A 103 8.25 -8.14 25.42
N LEU A 104 9.47 -7.78 25.04
CA LEU A 104 10.44 -7.29 26.02
C LEU A 104 9.96 -6.00 26.65
N LEU A 105 9.34 -5.12 25.85
CA LEU A 105 8.80 -3.89 26.44
C LEU A 105 7.64 -4.20 27.38
N SER A 106 6.81 -5.18 27.04
CA SER A 106 5.72 -5.55 27.92
CA SER A 106 5.72 -5.56 27.92
C SER A 106 6.24 -6.20 29.20
N ILE A 107 7.35 -6.92 29.13
CA ILE A 107 7.97 -7.45 30.34
C ILE A 107 8.52 -6.32 31.19
N CYS A 108 9.14 -5.31 30.58
CA CYS A 108 9.58 -4.16 31.37
C CYS A 108 8.40 -3.44 32.00
N SER A 109 7.29 -3.34 31.27
CA SER A 109 6.10 -2.74 31.85
C SER A 109 5.58 -3.60 33.00
N LEU A 110 5.59 -4.92 32.84
CA LEU A 110 5.21 -5.83 33.91
C LEU A 110 6.11 -5.63 35.13
N LEU A 111 7.43 -5.47 34.92
CA LEU A 111 8.33 -5.18 36.04
C LEU A 111 8.00 -3.86 36.71
N CYS A 112 7.46 -2.91 35.95
CA CYS A 112 7.08 -1.64 36.56
C CYS A 112 5.71 -1.72 37.23
N ASP A 113 4.78 -2.47 36.66
CA ASP A 113 3.39 -2.48 37.11
C ASP A 113 2.93 -3.94 37.24
N PRO A 114 3.29 -4.61 38.33
CA PRO A 114 2.88 -6.02 38.49
C PRO A 114 1.36 -6.18 38.57
N ASN A 115 0.90 -7.40 38.25
CA ASN A 115 -0.50 -7.83 38.34
C ASN A 115 -0.57 -8.75 39.55
N PRO A 116 -0.83 -8.23 40.76
CA PRO A 116 -0.88 -9.10 41.94
C PRO A 116 -2.13 -9.94 42.08
N ASP A 117 -3.13 -9.75 41.22
CA ASP A 117 -4.34 -10.57 41.22
C ASP A 117 -4.19 -11.83 40.40
N ASP A 118 -3.05 -12.01 39.74
CA ASP A 118 -2.76 -13.25 39.02
C ASP A 118 -1.32 -13.63 39.31
N PRO A 119 -1.01 -13.97 40.57
CA PRO A 119 0.38 -14.17 40.97
C PRO A 119 0.93 -15.52 40.54
N LEU A 120 2.26 -15.58 40.51
CA LEU A 120 2.97 -16.84 40.45
C LEU A 120 3.65 -17.16 41.77
N VAL A 121 3.83 -16.14 42.62
CA VAL A 121 4.34 -16.26 43.96
C VAL A 121 3.38 -15.50 44.88
N PRO A 122 2.43 -16.19 45.53
CA PRO A 122 1.41 -15.48 46.32
C PRO A 122 1.96 -14.58 47.42
N GLU A 123 3.05 -14.97 48.09
CA GLU A 123 3.55 -14.14 49.18
C GLU A 123 4.10 -12.81 48.68
N ILE A 124 4.74 -12.81 47.50
CA ILE A 124 5.21 -11.56 46.92
C ILE A 124 4.02 -10.68 46.48
N ALA A 125 2.99 -11.28 45.88
CA ALA A 125 1.81 -10.50 45.53
C ALA A 125 1.16 -9.90 46.79
N ARG A 126 1.17 -10.64 47.90
CA ARG A 126 0.61 -10.14 49.14
C ARG A 126 1.39 -8.93 49.67
N ILE A 127 2.73 -9.01 49.66
CA ILE A 127 3.55 -7.87 50.07
C ILE A 127 3.31 -6.67 49.15
N TYR A 128 3.30 -6.90 47.83
CA TYR A 128 3.05 -5.80 46.91
C TYR A 128 1.72 -5.12 47.22
N LYS A 129 0.68 -5.90 47.53
CA LYS A 129 -0.63 -5.30 47.76
C LYS A 129 -0.74 -4.65 49.13
N THR A 130 0.07 -5.04 50.10
CA THR A 130 -0.10 -4.53 51.46
C THR A 130 0.92 -3.47 51.85
N ASP A 131 2.19 -3.64 51.46
CA ASP A 131 3.28 -2.77 51.91
C ASP A 131 4.21 -2.46 50.72
N ARG A 132 3.74 -1.59 49.82
CA ARG A 132 4.50 -1.25 48.62
C ARG A 132 5.94 -0.86 48.94
N GLU A 133 6.12 -0.10 50.01
CA GLU A 133 7.46 0.33 50.44
C GLU A 133 8.35 -0.87 50.73
N LYS A 134 7.82 -1.88 51.41
CA LYS A 134 8.62 -3.06 51.74
C LYS A 134 8.87 -3.93 50.51
N TYR A 135 7.86 -4.06 49.64
CA TYR A 135 8.06 -4.75 48.38
C TYR A 135 9.22 -4.12 47.61
N ASN A 136 9.23 -2.79 47.51
CA ASN A 136 10.32 -2.13 46.78
C ASN A 136 11.67 -2.40 47.43
N ARG A 137 11.75 -2.33 48.76
CA ARG A 137 13.03 -2.59 49.42
C ARG A 137 13.54 -3.99 49.08
N ILE A 138 12.65 -4.98 49.16
CA ILE A 138 13.10 -6.35 48.93
C ILE A 138 13.46 -6.58 47.47
N ALA A 139 12.68 -6.01 46.55
CA ALA A 139 13.00 -6.15 45.15
C ALA A 139 14.37 -5.56 44.83
N ARG A 140 14.70 -4.41 45.45
CA ARG A 140 16.06 -3.85 45.32
C ARG A 140 17.13 -4.78 45.89
N GLU A 141 16.88 -5.36 47.06
CA GLU A 141 17.87 -6.27 47.66
C GLU A 141 18.12 -7.48 46.77
N TRP A 142 17.06 -8.04 46.19
CA TRP A 142 17.22 -9.15 45.27
C TRP A 142 17.95 -8.73 43.99
N THR A 143 17.66 -7.52 43.50
CA THR A 143 18.38 -7.01 42.34
C THR A 143 19.88 -6.94 42.62
N GLN A 144 20.26 -6.38 43.77
CA GLN A 144 21.66 -6.29 44.16
C GLN A 144 22.29 -7.66 44.38
N LYS A 145 21.49 -8.65 44.73
CA LYS A 145 22.06 -9.95 45.01
C LYS A 145 22.27 -10.79 43.75
N TYR A 146 21.31 -10.80 42.82
CA TYR A 146 21.38 -11.71 41.69
C TYR A 146 21.62 -11.05 40.34
N ALA A 147 21.32 -9.76 40.21
CA ALA A 147 21.25 -9.12 38.92
C ALA A 147 22.38 -8.13 38.66
N MET A 148 23.45 -8.18 39.45
CA MET A 148 24.56 -7.24 39.31
C MET A 148 25.88 -8.01 39.25
N GLY A 149 26.95 -7.33 38.84
CA GLY A 149 28.23 -8.00 38.70
C GLY A 149 28.22 -9.03 37.58
N VAL A 174 24.12 13.01 -4.29
CA VAL A 174 23.91 11.67 -4.83
C VAL A 174 23.51 10.73 -3.70
N ASN A 175 23.87 11.10 -2.47
CA ASN A 175 23.49 10.37 -1.27
C ASN A 175 22.25 10.93 -0.60
N ALA A 176 22.06 12.26 -0.62
CA ALA A 176 20.84 12.81 -0.07
C ALA A 176 19.62 12.29 -0.84
N ASP A 177 19.74 12.17 -2.16
CA ASP A 177 18.60 11.69 -2.95
C ASP A 177 18.32 10.21 -2.71
N VAL A 178 19.36 9.41 -2.48
CA VAL A 178 19.17 7.99 -2.17
C VAL A 178 18.59 7.82 -0.76
N GLN A 179 19.00 8.68 0.18
CA GLN A 179 18.42 8.67 1.52
C GLN A 179 17.04 9.30 1.57
N LYS A 180 16.60 9.95 0.50
CA LYS A 180 15.22 10.41 0.41
C LYS A 180 14.32 9.34 -0.23
N LEU A 181 14.76 8.73 -1.33
CA LEU A 181 14.04 7.59 -1.90
C LEU A 181 13.89 6.44 -0.90
N GLN A 182 14.91 6.19 -0.09
CA GLN A 182 14.80 5.11 0.89
C GLN A 182 13.79 5.46 1.96
N GLN A 183 13.82 6.68 2.47
CA GLN A 183 12.82 7.10 3.45
C GLN A 183 11.40 7.02 2.89
N GLN A 184 11.21 7.37 1.60
CA GLN A 184 9.90 7.25 0.98
C GLN A 184 9.45 5.79 0.84
N LEU A 185 10.33 4.92 0.32
CA LEU A 185 9.98 3.51 0.26
C LEU A 185 9.67 2.94 1.65
N GLN A 186 10.42 3.37 2.66
CA GLN A 186 10.25 2.83 4.00
C GLN A 186 8.95 3.30 4.65
N ASP A 187 8.59 4.58 4.51
CA ASP A 187 7.33 5.03 5.08
C ASP A 187 6.11 4.57 4.28
N ILE A 188 6.26 4.18 3.01
CA ILE A 188 5.15 3.52 2.34
C ILE A 188 5.01 2.08 2.85
N LYS A 189 6.13 1.38 3.02
CA LYS A 189 6.09 0.02 3.55
C LYS A 189 5.48 -0.02 4.94
N GLU A 190 5.87 0.91 5.81
CA GLU A 190 5.34 0.87 7.18
C GLU A 190 3.82 0.92 7.21
N GLN A 191 3.19 1.63 6.30
CA GLN A 191 1.74 1.76 6.30
C GLN A 191 1.02 0.68 5.50
N THR A 192 1.68 0.02 4.54
CA THR A 192 0.98 -0.91 3.66
C THR A 192 1.38 -2.37 3.82
N MET A 193 2.42 -2.69 4.58
CA MET A 193 2.86 -4.08 4.66
C MET A 193 2.00 -4.89 5.63
N CYS A 194 1.94 -6.19 5.38
CA CYS A 194 1.26 -7.11 6.28
C CYS A 194 1.86 -6.99 7.67
N PRO A 195 1.06 -6.90 8.73
CA PRO A 195 1.62 -6.76 10.08
C PRO A 195 2.09 -8.08 10.67
N VAL A 196 1.79 -9.23 10.06
CA VAL A 196 2.20 -10.51 10.60
C VAL A 196 3.56 -10.92 10.07
N CYS A 197 3.72 -10.94 8.74
CA CYS A 197 4.98 -11.34 8.15
C CYS A 197 5.95 -10.18 7.93
N LEU A 198 5.43 -8.95 7.86
CA LEU A 198 6.22 -7.76 7.53
C LEU A 198 6.92 -7.87 6.18
N ASP A 199 6.43 -8.77 5.31
CA ASP A 199 7.08 -9.24 4.09
C ASP A 199 6.28 -8.94 2.83
N ARG A 200 5.03 -9.36 2.76
CA ARG A 200 4.20 -9.03 1.63
C ARG A 200 3.27 -7.88 1.98
N LEU A 201 2.61 -7.36 0.95
CA LEU A 201 1.67 -6.27 1.16
C LEU A 201 0.33 -6.85 1.53
N LYS A 202 -0.45 -6.05 2.24
CA LYS A 202 -1.78 -6.44 2.69
C LYS A 202 -2.69 -6.53 1.47
N ASN A 203 -2.96 -7.76 1.01
CA ASN A 203 -3.88 -7.97 -0.11
C ASN A 203 -5.14 -8.72 0.33
N MET A 204 -5.46 -8.64 1.62
CA MET A 204 -6.68 -9.23 2.16
C MET A 204 -7.13 -8.38 3.33
N ILE A 205 -8.37 -7.92 3.28
CA ILE A 205 -8.89 -6.96 4.24
C ILE A 205 -10.10 -7.57 4.93
N PHE A 206 -10.20 -7.32 6.23
CA PHE A 206 -11.35 -7.71 7.03
C PHE A 206 -12.26 -6.52 7.23
N LEU A 207 -13.50 -6.83 7.63
CA LEU A 207 -14.53 -5.81 7.78
C LEU A 207 -14.24 -4.85 8.92
N CYS A 208 -13.37 -5.23 9.86
CA CYS A 208 -13.01 -4.36 10.97
C CYS A 208 -12.10 -3.21 10.53
N GLY A 209 -11.63 -3.23 9.28
CA GLY A 209 -10.79 -2.18 8.77
C GLY A 209 -9.33 -2.54 8.66
N HIS A 210 -8.89 -3.60 9.30
CA HIS A 210 -7.49 -4.03 9.22
C HIS A 210 -7.34 -5.11 8.16
N GLY A 211 -6.09 -5.40 7.84
CA GLY A 211 -5.77 -6.35 6.80
C GLY A 211 -4.42 -6.98 7.01
N THR A 212 -4.18 -8.05 6.24
CA THR A 212 -2.94 -8.78 6.22
C THR A 212 -2.63 -9.14 4.78
N CYS A 213 -1.56 -9.90 4.59
CA CYS A 213 -1.44 -10.59 3.32
C CYS A 213 -2.35 -11.83 3.31
N GLN A 214 -2.60 -12.36 2.12
CA GLN A 214 -3.48 -13.53 2.00
C GLN A 214 -2.90 -14.72 2.72
N LEU A 215 -1.58 -14.87 2.64
CA LEU A 215 -0.87 -16.02 3.20
C LEU A 215 -1.03 -16.09 4.72
N CYS A 216 -0.77 -14.98 5.40
CA CYS A 216 -0.91 -14.93 6.85
C CYS A 216 -2.40 -14.90 7.24
N GLY A 217 -3.22 -14.17 6.47
CA GLY A 217 -4.62 -14.01 6.82
C GLY A 217 -5.41 -15.29 6.77
N ASP A 218 -5.09 -16.17 5.81
CA ASP A 218 -5.78 -17.46 5.77
C ASP A 218 -5.45 -18.34 6.96
N ARG A 219 -4.41 -18.02 7.73
CA ARG A 219 -4.02 -18.81 8.88
C ARG A 219 -4.57 -18.27 10.20
N MET A 220 -5.52 -17.33 10.15
CA MET A 220 -6.06 -16.72 11.37
C MET A 220 -7.58 -16.69 11.33
N SER A 221 -8.19 -16.68 12.50
CA SER A 221 -9.63 -16.51 12.63
C SER A 221 -10.03 -15.17 13.22
N GLU A 222 -9.10 -14.45 13.82
CA GLU A 222 -9.39 -13.14 14.39
C GLU A 222 -8.33 -12.15 13.91
N CYS A 223 -8.73 -10.90 13.82
CA CYS A 223 -7.82 -9.87 13.34
C CYS A 223 -6.63 -9.74 14.29
N PRO A 224 -5.40 -9.68 13.79
CA PRO A 224 -4.23 -9.63 14.68
C PRO A 224 -4.02 -8.28 15.36
N ILE A 225 -4.82 -7.26 15.05
CA ILE A 225 -4.62 -5.92 15.58
C ILE A 225 -5.71 -5.55 16.57
N CYS A 226 -6.97 -5.83 16.25
CA CYS A 226 -8.05 -5.51 17.18
C CYS A 226 -8.70 -6.76 17.76
N ARG A 227 -8.34 -7.93 17.25
CA ARG A 227 -8.71 -9.23 17.79
C ARG A 227 -10.17 -9.58 17.52
N LYS A 228 -10.94 -8.72 16.88
CA LYS A 228 -12.29 -9.05 16.48
C LYS A 228 -12.28 -10.22 15.51
N ALA A 229 -13.30 -11.06 15.56
CA ALA A 229 -13.39 -12.21 14.68
C ALA A 229 -13.49 -11.77 13.22
N ILE A 230 -12.84 -12.52 12.33
CA ILE A 230 -12.82 -12.26 10.89
C ILE A 230 -14.17 -12.68 10.31
N GLU A 231 -15.05 -11.71 10.04
CA GLU A 231 -16.34 -12.06 9.45
C GLU A 231 -16.19 -12.42 7.98
N ARG A 232 -15.31 -11.73 7.27
CA ARG A 232 -15.23 -11.79 5.82
C ARG A 232 -13.84 -11.35 5.38
N ARG A 233 -13.32 -12.01 4.34
CA ARG A 233 -11.98 -11.73 3.81
C ARG A 233 -12.14 -11.26 2.38
N ILE A 234 -11.82 -9.99 2.10
CA ILE A 234 -11.96 -9.46 0.74
C ILE A 234 -10.56 -9.27 0.19
N LEU A 235 -10.31 -9.91 -0.94
CA LEU A 235 -8.99 -9.88 -1.55
C LEU A 235 -8.84 -8.66 -2.44
N LEU A 236 -7.65 -8.09 -2.46
CA LEU A 236 -7.39 -6.86 -3.17
C LEU A 236 -6.69 -7.15 -4.48
N TYR A 237 -6.96 -6.28 -5.46
CA TYR A 237 -6.31 -6.33 -6.76
C TYR A 237 -5.97 -4.91 -7.23
N SER B 1 -7.73 23.25 -6.84
CA SER B 1 -8.85 22.32 -6.87
C SER B 1 -8.33 20.92 -7.18
N MET B 2 -9.16 19.90 -6.92
CA MET B 2 -8.75 18.55 -7.28
C MET B 2 -8.47 18.44 -8.77
N ALA B 3 -9.35 19.04 -9.60
CA ALA B 3 -9.15 18.95 -11.04
C ALA B 3 -7.81 19.55 -11.44
N LEU B 4 -7.47 20.71 -10.88
CA LEU B 4 -6.23 21.39 -11.26
C LEU B 4 -4.99 20.63 -10.80
N LYS B 5 -5.03 20.06 -9.59
CA LYS B 5 -3.92 19.23 -9.12
C LYS B 5 -3.75 18.02 -10.03
N ARG B 6 -4.85 17.38 -10.39
CA ARG B 6 -4.75 16.20 -11.24
C ARG B 6 -4.25 16.56 -12.65
N ILE B 7 -4.66 17.72 -13.17
CA ILE B 7 -4.18 18.14 -14.49
C ILE B 7 -2.68 18.42 -14.46
N HIS B 8 -2.20 19.11 -13.43
CA HIS B 8 -0.75 19.32 -13.31
C HIS B 8 0.00 18.00 -13.15
N LYS B 9 -0.53 17.08 -12.35
CA LYS B 9 0.15 15.80 -12.18
C LYS B 9 0.25 15.05 -13.50
N GLU B 10 -0.84 15.05 -14.28
CA GLU B 10 -0.82 14.38 -15.58
C GLU B 10 0.14 15.07 -16.54
N LEU B 11 0.23 16.39 -16.44
CA LEU B 11 1.14 17.12 -17.31
C LEU B 11 2.60 16.80 -16.97
N ASN B 12 2.92 16.73 -15.67
CA ASN B 12 4.27 16.36 -15.26
C ASN B 12 4.60 14.94 -15.67
N ASP B 13 3.65 14.01 -15.52
CA ASP B 13 3.90 12.64 -15.94
C ASP B 13 4.01 12.53 -17.45
N LEU B 14 3.34 13.41 -18.19
CA LEU B 14 3.52 13.48 -19.63
C LEU B 14 4.88 14.05 -19.97
N ALA B 15 5.50 14.75 -19.03
CA ALA B 15 6.84 15.28 -19.23
C ALA B 15 7.92 14.25 -18.90
N ARG B 16 7.74 13.44 -17.85
CA ARG B 16 8.75 12.47 -17.44
C ARG B 16 8.77 11.22 -18.32
N ASP B 17 7.68 10.91 -19.00
CA ASP B 17 7.63 9.79 -19.94
C ASP B 17 6.59 10.08 -21.01
N PRO B 18 6.92 10.97 -21.95
CA PRO B 18 5.92 11.37 -22.94
C PRO B 18 5.49 10.20 -23.80
N PRO B 19 4.24 10.20 -24.27
CA PRO B 19 3.81 9.16 -25.21
C PRO B 19 4.38 9.41 -26.59
N ALA B 20 4.79 8.32 -27.25
CA ALA B 20 5.50 8.45 -28.52
C ALA B 20 4.57 8.89 -29.64
N GLN B 21 3.34 8.40 -29.63
CA GLN B 21 2.48 8.64 -30.76
C GLN B 21 1.81 10.01 -30.66
N CYS B 22 1.59 10.48 -29.44
CA CYS B 22 0.80 11.68 -29.17
C CYS B 22 1.66 12.79 -28.56
N SER B 23 1.02 13.93 -28.36
CA SER B 23 1.61 15.07 -27.66
C SER B 23 0.47 15.98 -27.22
N ALA B 24 0.56 16.55 -26.02
CA ALA B 24 -0.55 17.38 -25.56
C ALA B 24 -0.10 18.35 -24.50
N GLY B 25 -0.73 19.52 -24.47
CA GLY B 25 -0.43 20.48 -23.45
C GLY B 25 -1.32 21.69 -23.46
N PRO B 26 -1.19 22.52 -22.44
CA PRO B 26 -2.00 23.75 -22.37
C PRO B 26 -1.75 24.62 -23.59
N VAL B 27 -2.80 25.29 -24.08
CA VAL B 27 -2.64 26.17 -25.22
C VAL B 27 -1.86 27.43 -24.82
N GLY B 28 -2.26 28.05 -23.72
CA GLY B 28 -1.51 29.14 -23.13
C GLY B 28 -1.41 28.92 -21.63
N ASP B 29 -2.11 29.75 -20.85
CA ASP B 29 -2.22 29.59 -19.41
C ASP B 29 -3.49 28.88 -18.98
N ASP B 30 -4.28 28.40 -19.93
CA ASP B 30 -5.53 27.72 -19.60
C ASP B 30 -5.21 26.24 -19.40
N MET B 31 -5.17 25.82 -18.14
CA MET B 31 -4.89 24.43 -17.83
C MET B 31 -6.04 23.53 -18.19
N PHE B 32 -7.25 24.08 -18.32
CA PHE B 32 -8.42 23.29 -18.64
C PHE B 32 -8.72 23.22 -20.13
N HIS B 33 -7.85 23.79 -20.96
CA HIS B 33 -7.94 23.69 -22.42
C HIS B 33 -6.56 23.34 -22.95
N TRP B 34 -6.46 22.19 -23.57
CA TRP B 34 -5.21 21.72 -24.14
C TRP B 34 -5.35 21.59 -25.65
N GLN B 35 -4.21 21.58 -26.32
CA GLN B 35 -4.09 21.13 -27.69
C GLN B 35 -3.31 19.83 -27.70
N ALA B 36 -3.73 18.92 -28.57
CA ALA B 36 -3.09 17.63 -28.71
C ALA B 36 -2.81 17.38 -30.19
N THR B 37 -1.85 16.49 -30.42
CA THR B 37 -1.45 16.07 -31.75
C THR B 37 -1.25 14.56 -31.71
N ILE B 38 -1.81 13.86 -32.69
CA ILE B 38 -1.54 12.43 -32.83
C ILE B 38 -1.06 12.18 -34.25
N MET B 39 -0.07 11.31 -34.38
CA MET B 39 0.49 10.94 -35.67
C MET B 39 -0.27 9.75 -36.21
N GLY B 40 -0.60 9.79 -37.50
CA GLY B 40 -1.29 8.68 -38.13
C GLY B 40 -0.48 7.40 -37.99
N PRO B 41 -1.04 6.41 -37.28
CA PRO B 41 -0.29 5.16 -37.10
C PRO B 41 0.04 4.45 -38.41
N ASN B 42 1.26 3.91 -38.48
CA ASN B 42 1.69 3.18 -39.68
C ASN B 42 0.82 1.96 -39.93
N ASP B 43 0.08 1.57 -38.89
CA ASP B 43 -0.84 0.46 -38.93
C ASP B 43 -2.12 0.77 -39.71
N SER B 44 -2.43 2.06 -39.94
CA SER B 44 -3.66 2.52 -40.57
C SER B 44 -3.42 3.28 -41.88
N PRO B 45 -4.48 3.60 -42.64
CA PRO B 45 -4.33 4.49 -43.81
C PRO B 45 -4.11 5.95 -43.47
N TYR B 46 -4.11 6.32 -42.20
CA TYR B 46 -3.83 7.68 -41.77
C TYR B 46 -2.34 7.91 -41.60
N GLN B 47 -1.53 6.89 -41.85
CA GLN B 47 -0.08 6.97 -41.73
C GLN B 47 0.49 8.10 -42.58
N GLY B 48 1.35 8.91 -41.97
CA GLY B 48 1.95 10.04 -42.62
C GLY B 48 1.33 11.36 -42.24
N GLY B 49 0.13 11.35 -41.70
CA GLY B 49 -0.56 12.57 -41.33
C GLY B 49 -0.37 12.94 -39.88
N VAL B 50 -0.52 14.24 -39.60
CA VAL B 50 -0.51 14.76 -38.25
C VAL B 50 -1.86 15.40 -37.98
N PHE B 51 -2.55 14.92 -36.93
CA PHE B 51 -3.92 15.35 -36.66
C PHE B 51 -3.95 16.15 -35.38
N PHE B 52 -4.63 17.28 -35.40
CA PHE B 52 -4.77 18.12 -34.23
C PHE B 52 -6.09 17.88 -33.53
N LEU B 53 -6.08 18.04 -32.21
CA LEU B 53 -7.26 17.89 -31.39
C LEU B 53 -7.27 18.98 -30.33
N THR B 54 -8.47 19.30 -29.86
CA THR B 54 -8.69 20.13 -28.70
C THR B 54 -9.13 19.22 -27.54
N ILE B 55 -8.67 19.57 -26.34
CA ILE B 55 -9.04 18.89 -25.11
C ILE B 55 -9.63 19.90 -24.17
N HIS B 56 -10.77 19.55 -23.56
CA HIS B 56 -11.54 20.39 -22.66
C HIS B 56 -11.72 19.62 -21.36
N PHE B 57 -11.16 20.13 -20.27
CA PHE B 57 -11.36 19.45 -18.99
C PHE B 57 -12.53 20.08 -18.26
N PRO B 58 -13.53 19.30 -17.84
CA PRO B 58 -14.60 19.87 -17.01
C PRO B 58 -14.06 20.28 -15.65
N THR B 59 -14.82 21.16 -14.99
CA THR B 59 -14.33 21.73 -13.74
C THR B 59 -14.16 20.67 -12.65
N ASP B 60 -14.90 19.56 -12.75
CA ASP B 60 -14.83 18.45 -11.80
C ASP B 60 -14.20 17.22 -12.42
N TYR B 61 -13.22 17.45 -13.29
CA TYR B 61 -12.36 16.38 -13.76
C TYR B 61 -11.61 15.81 -12.55
N PRO B 62 -11.33 14.49 -12.53
CA PRO B 62 -11.56 13.48 -13.57
C PRO B 62 -12.82 12.66 -13.38
N PHE B 63 -13.71 13.07 -12.47
CA PHE B 63 -14.96 12.34 -12.26
C PHE B 63 -15.93 12.50 -13.42
N LYS B 64 -15.73 13.53 -14.26
CA LYS B 64 -16.37 13.60 -15.56
C LYS B 64 -15.31 13.60 -16.65
N PRO B 65 -15.59 12.97 -17.78
CA PRO B 65 -14.57 12.81 -18.81
C PRO B 65 -14.19 14.15 -19.42
N PRO B 66 -13.03 14.24 -20.03
CA PRO B 66 -12.71 15.42 -20.83
C PRO B 66 -13.42 15.32 -22.17
N LYS B 67 -13.69 16.48 -22.76
CA LYS B 67 -14.29 16.57 -24.10
C LYS B 67 -13.16 16.73 -25.11
N VAL B 68 -12.97 15.72 -25.94
CA VAL B 68 -11.88 15.69 -26.91
C VAL B 68 -12.48 15.69 -28.30
N ALA B 69 -11.94 16.54 -29.17
CA ALA B 69 -12.44 16.58 -30.54
C ALA B 69 -11.29 16.87 -31.50
N PHE B 70 -11.41 16.30 -32.70
CA PHE B 70 -10.48 16.59 -33.79
C PHE B 70 -10.75 17.98 -34.36
N THR B 71 -9.70 18.69 -34.73
CA THR B 71 -9.85 19.88 -35.55
C THR B 71 -9.38 19.65 -36.98
N THR B 72 -8.68 18.55 -37.23
CA THR B 72 -8.26 18.17 -38.57
C THR B 72 -9.27 17.20 -39.16
N ARG B 73 -9.76 17.48 -40.35
CA ARG B 73 -10.67 16.56 -41.03
C ARG B 73 -10.04 15.19 -41.18
N ILE B 74 -10.85 14.14 -40.99
CA ILE B 74 -10.38 12.76 -41.09
C ILE B 74 -11.55 11.90 -41.58
N TYR B 75 -11.24 10.92 -42.43
CA TYR B 75 -12.23 9.99 -42.97
C TYR B 75 -12.24 8.74 -42.09
N HIS B 76 -13.24 8.63 -41.21
CA HIS B 76 -13.31 7.57 -40.19
C HIS B 76 -14.75 7.26 -39.83
N PRO B 77 -15.10 5.98 -39.63
CA PRO B 77 -16.50 5.65 -39.27
C PRO B 77 -16.95 6.18 -37.92
N ASN B 78 -16.03 6.50 -37.01
CA ASN B 78 -16.42 6.93 -35.67
C ASN B 78 -16.07 8.39 -35.38
N ILE B 79 -15.68 9.16 -36.40
CA ILE B 79 -15.36 10.57 -36.25
C ILE B 79 -16.09 11.34 -37.34
N ASN B 80 -16.99 12.25 -36.95
CA ASN B 80 -17.80 12.97 -37.90
C ASN B 80 -17.14 14.30 -38.32
N SER B 81 -17.86 15.06 -39.14
CA SER B 81 -17.37 16.30 -39.72
C SER B 81 -17.22 17.42 -38.70
N ASN B 82 -17.80 17.29 -37.51
CA ASN B 82 -17.54 18.25 -36.46
C ASN B 82 -16.32 17.87 -35.63
N GLY B 83 -15.63 16.79 -35.96
CA GLY B 83 -14.50 16.33 -35.18
C GLY B 83 -14.87 15.57 -33.93
N SER B 84 -16.16 15.34 -33.69
CA SER B 84 -16.60 14.54 -32.56
C SER B 84 -16.16 13.09 -32.74
N ILE B 85 -15.89 12.43 -31.61
CA ILE B 85 -15.35 11.08 -31.58
C ILE B 85 -16.37 10.18 -30.90
N CYS B 86 -16.72 9.08 -31.55
CA CYS B 86 -17.56 8.05 -30.96
C CYS B 86 -16.65 6.99 -30.36
N LEU B 87 -16.38 7.12 -29.07
CA LEU B 87 -15.45 6.21 -28.39
C LEU B 87 -15.92 6.08 -26.95
N ASP B 88 -16.27 4.85 -26.56
CA ASP B 88 -16.88 4.64 -25.24
C ASP B 88 -15.98 5.12 -24.12
N ILE B 89 -14.66 5.12 -24.33
CA ILE B 89 -13.70 5.61 -23.34
C ILE B 89 -14.01 7.05 -22.94
N LEU B 90 -14.67 7.80 -23.81
CA LEU B 90 -14.94 9.20 -23.57
C LEU B 90 -16.27 9.44 -22.87
N ARG B 91 -17.10 8.40 -22.73
CA ARG B 91 -18.37 8.57 -22.03
C ARG B 91 -18.69 7.36 -21.16
N SER B 92 -19.17 6.29 -21.77
CA SER B 92 -19.69 5.15 -21.02
C SER B 92 -18.58 4.41 -20.25
N GLN B 93 -17.43 4.18 -20.89
CA GLN B 93 -16.31 3.51 -20.23
C GLN B 93 -15.33 4.49 -19.59
N TRP B 94 -15.75 5.73 -19.36
CA TRP B 94 -14.85 6.65 -18.68
C TRP B 94 -14.70 6.27 -17.22
N SER B 95 -13.47 6.30 -16.73
CA SER B 95 -13.21 6.14 -15.32
C SER B 95 -12.33 7.31 -14.87
N PRO B 96 -12.55 7.84 -13.66
CA PRO B 96 -11.63 8.88 -13.16
C PRO B 96 -10.24 8.37 -12.91
N ALA B 97 -9.99 7.07 -13.02
CA ALA B 97 -8.62 6.58 -12.94
C ALA B 97 -7.90 6.65 -14.28
N LEU B 98 -8.61 7.04 -15.34
CA LEU B 98 -8.04 7.17 -16.68
C LEU B 98 -7.42 8.55 -16.85
N THR B 99 -6.43 8.64 -17.74
CA THR B 99 -5.69 9.87 -17.98
C THR B 99 -5.79 10.29 -19.44
N ILE B 100 -5.38 11.53 -19.70
CA ILE B 100 -5.35 12.02 -21.08
C ILE B 100 -4.49 11.10 -21.93
N SER B 101 -3.37 10.61 -21.37
CA SER B 101 -2.50 9.74 -22.15
CA SER B 101 -2.48 9.72 -22.13
C SER B 101 -3.21 8.47 -22.56
N LYS B 102 -3.94 7.84 -21.63
CA LYS B 102 -4.72 6.67 -22.01
C LYS B 102 -5.72 7.04 -23.09
N VAL B 103 -6.35 8.21 -22.96
CA VAL B 103 -7.36 8.63 -23.93
C VAL B 103 -6.75 8.80 -25.30
N LEU B 104 -5.60 9.46 -25.37
CA LEU B 104 -4.98 9.66 -26.66
C LEU B 104 -4.54 8.33 -27.25
N LEU B 105 -4.09 7.40 -26.39
CA LEU B 105 -3.71 6.09 -26.90
C LEU B 105 -4.94 5.33 -27.40
N SER B 106 -6.06 5.51 -26.72
CA SER B 106 -7.31 4.90 -27.19
CA SER B 106 -7.30 4.90 -27.18
C SER B 106 -7.77 5.52 -28.50
N ILE B 107 -7.48 6.81 -28.72
CA ILE B 107 -7.88 7.45 -29.97
C ILE B 107 -7.01 6.96 -31.12
N CYS B 108 -5.70 6.80 -30.89
CA CYS B 108 -4.84 6.19 -31.90
C CYS B 108 -5.27 4.75 -32.17
N SER B 109 -5.68 4.03 -31.13
CA SER B 109 -6.18 2.67 -31.29
C SER B 109 -7.47 2.67 -32.10
N LEU B 110 -8.37 3.63 -31.85
CA LEU B 110 -9.57 3.76 -32.65
C LEU B 110 -9.22 4.03 -34.11
N LEU B 111 -8.21 4.87 -34.34
CA LEU B 111 -7.76 5.09 -35.71
C LEU B 111 -7.24 3.80 -36.34
N CYS B 112 -6.72 2.89 -35.52
CA CYS B 112 -6.25 1.61 -36.05
C CYS B 112 -7.39 0.62 -36.28
N ASP B 113 -8.37 0.63 -35.39
CA ASP B 113 -9.46 -0.34 -35.38
C ASP B 113 -10.78 0.39 -35.21
N PRO B 114 -11.33 0.91 -36.30
CA PRO B 114 -12.64 1.58 -36.20
C PRO B 114 -13.73 0.60 -35.78
N ASN B 115 -14.78 1.15 -35.15
CA ASN B 115 -15.95 0.40 -34.71
C ASN B 115 -17.19 0.71 -35.53
N PRO B 116 -17.49 -0.07 -36.59
CA PRO B 116 -18.75 0.10 -37.33
C PRO B 116 -19.95 -0.43 -36.57
N ASP B 117 -19.86 -0.50 -35.24
CA ASP B 117 -20.93 -1.06 -34.44
C ASP B 117 -22.12 -0.12 -34.37
N ASP B 118 -21.92 1.08 -33.85
CA ASP B 118 -22.93 2.14 -33.83
C ASP B 118 -22.16 3.40 -34.19
N PRO B 119 -21.81 3.54 -35.47
CA PRO B 119 -20.84 4.56 -35.88
C PRO B 119 -21.40 5.96 -35.80
N LEU B 120 -20.55 6.95 -36.06
CA LEU B 120 -21.01 8.32 -36.20
C LEU B 120 -21.23 8.72 -37.65
N VAL B 121 -20.63 8.00 -38.59
CA VAL B 121 -20.87 8.29 -40.01
C VAL B 121 -21.28 6.99 -40.68
N PRO B 122 -22.57 6.73 -40.82
CA PRO B 122 -23.02 5.43 -41.36
C PRO B 122 -22.46 5.12 -42.74
N GLU B 123 -22.34 6.12 -43.61
CA GLU B 123 -21.89 5.85 -44.98
C GLU B 123 -20.43 5.40 -45.00
N ILE B 124 -19.59 6.03 -44.18
CA ILE B 124 -18.19 5.61 -44.09
C ILE B 124 -18.10 4.22 -43.47
N ALA B 125 -18.91 3.94 -42.46
CA ALA B 125 -18.91 2.60 -41.89
C ALA B 125 -19.34 1.57 -42.91
N ARG B 126 -20.33 1.91 -43.75
CA ARG B 126 -20.76 1.01 -44.80
C ARG B 126 -19.62 0.72 -45.77
N ILE B 127 -18.90 1.77 -46.18
CA ILE B 127 -17.76 1.59 -47.07
C ILE B 127 -16.70 0.71 -46.40
N TYR B 128 -16.42 0.99 -45.12
CA TYR B 128 -15.44 0.21 -44.38
C TYR B 128 -15.81 -1.27 -44.39
N LYS B 129 -17.10 -1.56 -44.22
CA LYS B 129 -17.55 -2.95 -44.21
C LYS B 129 -17.68 -3.55 -45.60
N THR B 130 -17.79 -2.72 -46.64
CA THR B 130 -18.12 -3.14 -47.99
C THR B 130 -16.96 -3.08 -48.97
N ASP B 131 -16.17 -2.01 -48.96
CA ASP B 131 -15.08 -1.82 -49.91
C ASP B 131 -13.89 -1.23 -49.13
N ARG B 132 -13.29 -2.08 -48.29
CA ARG B 132 -12.17 -1.66 -47.46
C ARG B 132 -11.07 -1.00 -48.28
N GLU B 133 -10.83 -1.49 -49.49
CA GLU B 133 -9.82 -0.86 -50.33
C GLU B 133 -10.20 0.58 -50.67
N LYS B 134 -11.49 0.80 -50.97
CA LYS B 134 -11.94 2.16 -51.24
C LYS B 134 -11.93 3.01 -49.98
N TYR B 135 -12.32 2.43 -48.84
CA TYR B 135 -12.20 3.12 -47.56
C TYR B 135 -10.76 3.56 -47.31
N ASN B 136 -9.80 2.65 -47.53
CA ASN B 136 -8.39 2.99 -47.33
C ASN B 136 -7.95 4.09 -48.29
N ARG B 137 -8.37 4.02 -49.56
CA ARG B 137 -7.98 5.04 -50.52
C ARG B 137 -8.51 6.40 -50.09
N ILE B 138 -9.78 6.47 -49.69
CA ILE B 138 -10.32 7.76 -49.32
C ILE B 138 -9.69 8.26 -48.03
N ALA B 139 -9.47 7.36 -47.07
CA ALA B 139 -8.82 7.74 -45.82
C ALA B 139 -7.41 8.27 -46.10
N ARG B 140 -6.67 7.60 -46.97
CA ARG B 140 -5.35 8.10 -47.34
C ARG B 140 -5.45 9.46 -48.02
N GLU B 141 -6.41 9.64 -48.94
CA GLU B 141 -6.52 10.92 -49.65
C GLU B 141 -6.89 12.05 -48.71
N TRP B 142 -7.81 11.81 -47.77
CA TRP B 142 -8.13 12.83 -46.78
C TRP B 142 -6.94 13.09 -45.87
N THR B 143 -6.15 12.05 -45.55
CA THR B 143 -4.93 12.27 -44.79
C THR B 143 -4.01 13.21 -45.55
N GLN B 144 -3.79 12.92 -46.84
CA GLN B 144 -2.91 13.72 -47.68
C GLN B 144 -3.41 15.14 -47.82
N LYS B 145 -4.73 15.35 -47.68
CA LYS B 145 -5.32 16.66 -47.91
C LYS B 145 -5.34 17.56 -46.67
N TYR B 146 -5.70 17.01 -45.51
CA TYR B 146 -5.85 17.85 -44.34
C TYR B 146 -4.79 17.64 -43.28
N ALA B 147 -4.09 16.51 -43.28
CA ALA B 147 -3.23 16.13 -42.17
C ALA B 147 -1.74 16.25 -42.51
N MET B 148 -1.40 16.99 -43.57
CA MET B 148 -0.01 17.17 -43.98
C MET B 148 0.29 18.65 -44.18
N GLY B 149 0.21 19.40 -43.09
CA GLY B 149 0.46 20.83 -43.11
C GLY B 149 1.89 21.18 -42.80
N ALA B 176 22.99 7.10 -10.35
CA ALA B 176 22.05 7.10 -11.47
C ALA B 176 21.19 5.84 -11.45
N ASP B 177 21.19 5.11 -12.57
CA ASP B 177 20.40 3.89 -12.68
C ASP B 177 20.87 2.80 -11.73
N VAL B 178 22.11 2.89 -11.25
CA VAL B 178 22.57 1.95 -10.22
C VAL B 178 21.73 2.12 -8.96
N GLN B 179 21.32 3.36 -8.66
CA GLN B 179 20.42 3.64 -7.56
C GLN B 179 19.01 4.05 -8.01
N LYS B 180 18.72 4.07 -9.31
CA LYS B 180 17.36 4.30 -9.81
C LYS B 180 16.51 3.03 -9.75
N LEU B 181 17.10 1.91 -9.31
CA LEU B 181 16.28 0.77 -8.95
C LEU B 181 15.17 1.21 -8.01
N GLN B 182 15.45 2.21 -7.18
CA GLN B 182 14.47 2.73 -6.23
C GLN B 182 13.30 3.41 -6.94
N GLN B 183 13.58 4.28 -7.92
CA GLN B 183 12.51 4.88 -8.71
C GLN B 183 11.67 3.81 -9.38
N GLN B 184 12.32 2.73 -9.82
CA GLN B 184 11.58 1.57 -10.31
C GLN B 184 10.82 0.91 -9.17
N LEU B 185 11.50 0.66 -8.04
CA LEU B 185 10.84 0.10 -6.86
C LEU B 185 9.67 0.97 -6.42
N GLN B 186 9.77 2.28 -6.60
CA GLN B 186 8.71 3.21 -6.19
C GLN B 186 7.44 3.05 -7.01
N ASP B 187 7.44 2.21 -8.05
CA ASP B 187 6.20 1.86 -8.75
C ASP B 187 5.29 1.05 -7.83
N ILE B 188 5.78 0.72 -6.63
CA ILE B 188 4.92 0.22 -5.56
C ILE B 188 3.81 1.22 -5.30
N LYS B 189 4.05 2.50 -5.59
CA LYS B 189 3.00 3.51 -5.49
C LYS B 189 1.79 3.09 -6.32
N GLU B 190 2.05 2.53 -7.51
CA GLU B 190 0.98 2.06 -8.37
C GLU B 190 0.07 1.09 -7.65
N GLN B 191 0.63 0.27 -6.74
CA GLN B 191 -0.19 -0.72 -6.05
C GLN B 191 -0.85 -0.18 -4.79
N THR B 192 -0.32 0.91 -4.21
CA THR B 192 -0.85 1.39 -2.94
C THR B 192 -1.49 2.77 -2.99
N MET B 193 -1.25 3.56 -4.04
CA MET B 193 -1.78 4.91 -4.08
C MET B 193 -3.18 4.93 -4.71
N CYS B 194 -3.96 5.92 -4.33
CA CYS B 194 -5.27 6.12 -4.92
C CYS B 194 -5.12 6.30 -6.43
N PRO B 195 -5.90 5.61 -7.26
CA PRO B 195 -5.78 5.75 -8.71
C PRO B 195 -6.49 6.97 -9.27
N VAL B 196 -7.24 7.70 -8.45
CA VAL B 196 -7.91 8.91 -8.93
C VAL B 196 -7.01 10.11 -8.72
N CYS B 197 -6.61 10.36 -7.47
CA CYS B 197 -5.77 11.52 -7.20
C CYS B 197 -4.27 11.23 -7.34
N LEU B 198 -3.87 9.96 -7.29
CA LEU B 198 -2.47 9.53 -7.37
C LEU B 198 -1.60 10.16 -6.30
N ASP B 199 -2.22 10.69 -5.25
CA ASP B 199 -1.58 11.59 -4.31
C ASP B 199 -1.63 11.04 -2.89
N ARG B 200 -2.79 10.59 -2.46
CA ARG B 200 -2.95 9.95 -1.16
C ARG B 200 -2.86 8.45 -1.33
N LEU B 201 -2.88 7.73 -0.22
CA LEU B 201 -2.89 6.28 -0.24
C LEU B 201 -4.32 5.73 -0.23
N LYS B 202 -4.45 4.50 -0.67
CA LYS B 202 -5.75 3.82 -0.65
C LYS B 202 -6.11 3.48 0.80
N ASN B 203 -7.03 4.25 1.40
CA ASN B 203 -7.51 3.96 2.75
C ASN B 203 -9.01 3.63 2.77
N MET B 204 -9.57 3.22 1.65
CA MET B 204 -10.98 2.85 1.55
C MET B 204 -11.17 1.79 0.49
N ILE B 205 -11.85 0.70 0.83
CA ILE B 205 -11.95 -0.48 -0.01
C ILE B 205 -13.40 -0.81 -0.35
N PHE B 206 -13.64 -1.19 -1.60
CA PHE B 206 -14.92 -1.70 -2.04
C PHE B 206 -14.86 -3.22 -2.08
N LEU B 207 -16.03 -3.84 -2.15
CA LEU B 207 -16.10 -5.29 -2.11
C LEU B 207 -15.52 -5.92 -3.36
N CYS B 208 -15.37 -5.16 -4.44
CA CYS B 208 -14.76 -5.71 -5.65
C CYS B 208 -13.26 -5.95 -5.50
N GLY B 209 -12.67 -5.49 -4.41
CA GLY B 209 -11.25 -5.73 -4.21
C GLY B 209 -10.38 -4.54 -4.53
N HIS B 210 -10.91 -3.53 -5.19
CA HIS B 210 -10.14 -2.34 -5.49
C HIS B 210 -10.41 -1.28 -4.44
N GLY B 211 -9.59 -0.24 -4.45
CA GLY B 211 -9.71 0.81 -3.45
C GLY B 211 -9.26 2.16 -3.93
N THR B 212 -9.65 3.19 -3.16
CA THR B 212 -9.28 4.58 -3.40
C THR B 212 -8.94 5.24 -2.07
N CYS B 213 -8.63 6.53 -2.10
CA CYS B 213 -8.68 7.32 -0.88
C CYS B 213 -10.14 7.64 -0.58
N GLN B 214 -10.40 8.05 0.67
CA GLN B 214 -11.77 8.32 1.08
C GLN B 214 -12.37 9.49 0.30
N LEU B 215 -11.57 10.53 0.06
CA LEU B 215 -12.08 11.72 -0.60
C LEU B 215 -12.54 11.41 -2.02
N CYS B 216 -11.73 10.68 -2.78
CA CYS B 216 -12.15 10.31 -4.13
C CYS B 216 -13.24 9.27 -4.10
N GLY B 217 -13.16 8.31 -3.18
CA GLY B 217 -14.11 7.21 -3.17
C GLY B 217 -15.51 7.68 -2.84
N ASP B 218 -15.65 8.64 -1.93
CA ASP B 218 -16.98 9.09 -1.58
C ASP B 218 -17.68 9.83 -2.72
N ARG B 219 -16.92 10.26 -3.72
CA ARG B 219 -17.47 11.00 -4.84
C ARG B 219 -17.78 10.11 -6.04
N MET B 220 -17.76 8.80 -5.86
CA MET B 220 -17.96 7.86 -6.95
C MET B 220 -19.05 6.88 -6.55
N SER B 221 -19.79 6.40 -7.55
CA SER B 221 -20.78 5.35 -7.36
C SER B 221 -20.34 4.04 -7.98
N GLU B 222 -19.28 4.03 -8.78
CA GLU B 222 -18.75 2.83 -9.41
C GLU B 222 -17.25 2.76 -9.16
N CYS B 223 -16.74 1.52 -9.08
CA CYS B 223 -15.31 1.34 -8.88
C CYS B 223 -14.55 1.90 -10.08
N PRO B 224 -13.48 2.65 -9.86
CA PRO B 224 -12.76 3.23 -11.00
C PRO B 224 -11.92 2.24 -11.78
N ILE B 225 -11.82 0.98 -11.37
CA ILE B 225 -10.94 0.01 -11.99
C ILE B 225 -11.73 -1.08 -12.74
N CYS B 226 -12.76 -1.65 -12.08
CA CYS B 226 -13.58 -2.71 -12.66
C CYS B 226 -15.02 -2.29 -12.91
N ARG B 227 -15.43 -1.12 -12.45
CA ARG B 227 -16.69 -0.46 -12.75
C ARG B 227 -17.90 -1.07 -12.02
N LYS B 228 -17.73 -2.12 -11.22
CA LYS B 228 -18.88 -2.63 -10.46
C LYS B 228 -19.40 -1.54 -9.54
N ALA B 229 -20.72 -1.54 -9.33
CA ALA B 229 -21.30 -0.52 -8.46
C ALA B 229 -20.74 -0.68 -7.05
N ILE B 230 -20.47 0.45 -6.40
CA ILE B 230 -19.87 0.43 -5.07
C ILE B 230 -20.93 -0.01 -4.06
N GLU B 231 -20.84 -1.28 -3.64
CA GLU B 231 -21.77 -1.83 -2.66
C GLU B 231 -21.50 -1.27 -1.27
N ARG B 232 -20.23 -1.11 -0.91
CA ARG B 232 -19.86 -0.74 0.45
C ARG B 232 -18.44 -0.17 0.43
N ARG B 233 -18.19 0.81 1.30
CA ARG B 233 -16.89 1.44 1.45
C ARG B 233 -16.34 1.14 2.84
N ILE B 234 -15.24 0.40 2.88
CA ILE B 234 -14.60 -0.04 4.12
C ILE B 234 -13.32 0.77 4.29
N LEU B 235 -13.21 1.49 5.40
CA LEU B 235 -12.02 2.31 5.65
C LEU B 235 -10.89 1.46 6.22
N LEU B 236 -9.68 1.76 5.81
CA LEU B 236 -8.53 0.96 6.23
C LEU B 236 -7.74 1.65 7.32
N TYR B 237 -7.15 0.84 8.20
CA TYR B 237 -6.27 1.27 9.30
C TYR B 237 -5.11 0.27 9.54
ZN ZN C . 1.59 -11.55 5.88
ZN ZN D . -9.13 -5.39 13.16
ZN ZN E . -7.87 9.94 -4.09
ZN ZN F . -13.29 -2.74 -8.56
ZN ZN G . -14.17 24.24 -23.85
#